data_2A26
#
_entry.id   2A26
#
_cell.length_a   58.793
_cell.length_b   152.609
_cell.length_c   36.988
_cell.angle_alpha   90.00
_cell.angle_beta   90.00
_cell.angle_gamma   90.00
#
_symmetry.space_group_name_H-M   'C 2 2 21'
#
loop_
_entity.id
_entity.type
_entity.pdbx_description
1 polymer 'Calcyclin-binding protein'
2 non-polymer 'SULFATE ION'
3 non-polymer '3-CYCLOHEXYL-1-PROPYLSULFONIC ACID'
4 water water
#
_entity_poly.entity_id   1
_entity_poly.type   'polypeptide(L)'
_entity_poly.pdbx_seq_one_letter_code
;GSHMASEELQKDLEEVKVLLEKATRKRVRDALTAEKSKIETEIKNKMQQK
;
_entity_poly.pdbx_strand_id   A,B,C
#
loop_
_chem_comp.id
_chem_comp.type
_chem_comp.name
_chem_comp.formula
CXS non-polymer '3-CYCLOHEXYL-1-PROPYLSULFONIC ACID' 'C9 H19 N O3 S'
SO4 non-polymer 'SULFATE ION' 'O4 S -2'
#
# COMPACT_ATOMS: atom_id res chain seq x y z
N HIS A 3 -18.11 -5.56 8.41
CA HIS A 3 -19.19 -4.55 8.65
C HIS A 3 -18.65 -3.22 9.16
N MET A 4 -19.36 -2.13 8.86
CA MET A 4 -18.86 -0.75 9.08
C MET A 4 -19.77 0.11 9.93
N ALA A 5 -19.19 1.00 10.72
CA ALA A 5 -19.97 1.98 11.48
C ALA A 5 -19.46 3.40 11.10
N SER A 6 -20.32 4.37 10.74
CA SER A 6 -19.96 5.75 10.35
C SER A 6 -19.00 6.42 11.33
N GLU A 7 -19.33 6.30 12.61
CA GLU A 7 -18.52 6.97 13.62
C GLU A 7 -17.11 6.39 13.65
N GLU A 8 -16.97 5.05 13.52
CA GLU A 8 -15.67 4.43 13.55
C GLU A 8 -14.87 4.76 12.30
N LEU A 9 -15.53 4.76 11.15
CA LEU A 9 -14.87 5.15 9.88
C LEU A 9 -14.39 6.61 9.95
N GLN A 10 -15.11 7.51 10.61
CA GLN A 10 -14.65 8.88 10.75
C GLN A 10 -13.40 8.97 11.63
N LYS A 11 -13.30 8.10 12.64
CA LYS A 11 -12.06 8.06 13.43
C LYS A 11 -10.91 7.50 12.63
N ASP A 12 -11.18 6.48 11.80
CA ASP A 12 -10.13 5.97 10.92
C ASP A 12 -9.66 7.06 9.94
N LEU A 13 -10.60 7.83 9.39
CA LEU A 13 -10.27 8.91 8.46
C LEU A 13 -9.37 9.94 9.16
N GLU A 14 -9.71 10.28 10.38
CA GLU A 14 -8.92 11.28 11.10
C GLU A 14 -7.47 10.82 11.23
N GLU A 15 -7.28 9.55 11.54
CA GLU A 15 -5.91 9.01 11.70
C GLU A 15 -5.19 8.91 10.36
N VAL A 16 -5.84 8.39 9.32
N VAL A 16 -5.85 8.47 9.30
CA VAL A 16 -5.17 8.30 8.02
CA VAL A 16 -5.15 8.33 8.04
C VAL A 16 -4.70 9.69 7.65
C VAL A 16 -4.73 9.69 7.42
N LYS A 17 -5.53 10.71 7.86
N LYS A 17 -5.50 10.75 7.65
CA LYS A 17 -5.15 12.11 7.62
CA LYS A 17 -5.15 12.06 7.11
C LYS A 17 -3.89 12.47 8.43
C LYS A 17 -3.88 12.57 7.72
N VAL A 18 -3.88 12.16 9.72
N VAL A 18 -3.70 12.36 9.01
CA VAL A 18 -2.71 12.44 10.54
CA VAL A 18 -2.48 12.76 9.70
C VAL A 18 -1.44 11.78 10.01
C VAL A 18 -1.32 11.97 9.17
N LEU A 19 -1.54 10.52 9.60
N LEU A 19 -1.46 10.65 9.09
CA LEU A 19 -0.37 9.82 9.05
CA LEU A 19 -0.31 9.84 8.69
C LEU A 19 0.09 10.43 7.75
C LEU A 19 0.08 10.01 7.23
N LEU A 20 -0.86 10.92 6.94
N LEU A 20 -0.89 10.26 6.37
CA LEU A 20 -0.56 11.57 5.68
CA LEU A 20 -0.61 10.53 4.97
C LEU A 20 0.13 12.94 5.86
C LEU A 20 0.35 11.71 4.84
N GLU A 21 0.01 13.54 7.04
N GLU A 21 0.11 12.76 5.62
CA GLU A 21 0.78 14.74 7.39
CA GLU A 21 0.97 13.93 5.52
C GLU A 21 2.26 14.41 7.42
C GLU A 21 2.38 13.62 5.96
N LYS A 22 2.59 13.15 7.78
N LYS A 22 2.52 12.80 6.97
CA LYS A 22 3.94 12.65 8.10
CA LYS A 22 3.83 12.57 7.57
C LYS A 22 4.66 11.89 6.98
C LYS A 22 4.64 11.56 6.78
N ALA A 23 3.95 11.09 6.24
N ALA A 23 4.02 11.01 5.73
CA ALA A 23 4.60 10.16 5.33
CA ALA A 23 4.61 9.98 4.88
C ALA A 23 5.39 10.89 4.21
C ALA A 23 5.32 10.75 3.84
N THR A 24 6.58 10.36 3.82
CA THR A 24 7.55 10.89 2.86
C THR A 24 7.81 9.95 1.68
N ARG A 25 7.52 8.66 1.82
CA ARG A 25 7.87 7.68 0.78
C ARG A 25 6.68 7.51 -0.18
N LYS A 26 6.94 7.57 -1.49
CA LYS A 26 5.90 7.45 -2.52
C LYS A 26 4.97 6.24 -2.30
N ARG A 27 5.54 5.03 -2.11
CA ARG A 27 4.61 3.90 -2.04
C ARG A 27 3.73 3.92 -0.80
N VAL A 28 4.25 4.53 0.28
CA VAL A 28 3.48 4.62 1.51
C VAL A 28 2.41 5.67 1.40
N ARG A 29 2.75 6.84 0.85
CA ARG A 29 1.75 7.87 0.57
C ARG A 29 0.67 7.34 -0.36
N ASP A 30 1.04 6.59 -1.41
CA ASP A 30 0.05 6.08 -2.32
C ASP A 30 -0.89 5.09 -1.58
N ALA A 31 -0.31 4.21 -0.76
CA ALA A 31 -1.17 3.24 -0.05
C ALA A 31 -2.12 3.94 0.92
N LEU A 32 -1.65 4.97 1.61
CA LEU A 32 -2.51 5.68 2.54
C LEU A 32 -3.55 6.51 1.82
N THR A 33 -3.21 7.10 0.67
CA THR A 33 -4.22 7.87 -0.09
C THR A 33 -5.32 6.97 -0.60
N ALA A 34 -4.94 5.79 -1.04
CA ALA A 34 -5.95 4.81 -1.47
C ALA A 34 -6.87 4.38 -0.32
N GLU A 35 -6.29 4.14 0.85
CA GLU A 35 -7.08 3.79 2.01
C GLU A 35 -7.99 4.95 2.42
N LYS A 36 -7.51 6.18 2.38
CA LYS A 36 -8.33 7.33 2.68
C LYS A 36 -9.53 7.40 1.75
N SER A 37 -9.31 7.19 0.45
CA SER A 37 -10.39 7.25 -0.52
C SER A 37 -11.46 6.19 -0.25
N LYS A 38 -11.01 4.98 0.10
CA LYS A 38 -11.95 3.89 0.42
C LYS A 38 -12.79 4.20 1.65
N ILE A 39 -12.13 4.75 2.68
CA ILE A 39 -12.82 5.15 3.88
C ILE A 39 -13.90 6.25 3.58
N GLU A 40 -13.52 7.23 2.76
CA GLU A 40 -14.45 8.31 2.40
C GLU A 40 -15.69 7.78 1.66
N THR A 41 -15.47 6.81 0.76
CA THR A 41 -16.60 6.16 0.07
C THR A 41 -17.51 5.44 1.06
N GLU A 42 -16.92 4.72 2.00
CA GLU A 42 -17.72 4.03 2.98
C GLU A 42 -18.50 4.96 3.87
N ILE A 43 -17.89 6.09 4.25
CA ILE A 43 -18.62 7.09 5.04
C ILE A 43 -19.82 7.66 4.28
N LYS A 44 -19.62 7.98 3.02
CA LYS A 44 -20.75 8.44 2.23
C LYS A 44 -21.89 7.43 2.21
N ASN A 45 -21.57 6.16 1.96
CA ASN A 45 -22.63 5.15 1.91
C ASN A 45 -23.30 5.03 3.28
N LYS A 46 -22.55 5.06 4.38
CA LYS A 46 -23.20 4.96 5.71
C LYS A 46 -24.07 6.16 6.06
N MET A 47 -23.68 7.33 5.59
CA MET A 47 -24.49 8.52 5.84
C MET A 47 -25.77 8.44 5.04
N GLN A 48 -25.71 7.87 3.83
CA GLN A 48 -26.92 7.65 3.03
C GLN A 48 -27.86 6.68 3.72
N GLN A 49 -27.32 5.60 4.27
CA GLN A 49 -28.10 4.55 4.93
C GLN A 49 -28.60 4.93 6.29
N LYS A 50 -28.13 6.01 6.92
CA LYS A 50 -28.50 6.39 8.28
C LYS A 50 -30.04 6.65 8.40
N SER B 2 18.15 3.41 -7.16
CA SER B 2 17.11 3.24 -8.22
C SER B 2 15.91 2.37 -7.80
N HIS B 3 14.96 2.25 -8.72
CA HIS B 3 13.72 1.52 -8.42
C HIS B 3 14.05 0.11 -7.93
N MET B 4 13.47 -0.20 -6.77
CA MET B 4 13.59 -1.53 -6.17
C MET B 4 14.99 -1.88 -5.63
N ALA B 5 15.87 -0.88 -5.57
CA ALA B 5 17.16 -1.08 -4.92
C ALA B 5 16.95 -1.36 -3.45
N SER B 6 17.83 -2.13 -2.87
CA SER B 6 17.78 -2.48 -1.45
C SER B 6 17.66 -1.25 -0.56
N GLU B 7 18.41 -0.17 -0.86
CA GLU B 7 18.37 0.98 0.01
C GLU B 7 17.03 1.68 -0.03
N GLU B 8 16.39 1.65 -1.20
CA GLU B 8 15.05 2.22 -1.32
C GLU B 8 14.03 1.41 -0.54
N LEU B 9 14.11 0.08 -0.61
CA LEU B 9 13.19 -0.75 0.16
C LEU B 9 13.42 -0.54 1.65
N GLN B 10 14.67 -0.36 2.08
CA GLN B 10 14.91 -0.15 3.50
C GLN B 10 14.29 1.18 3.95
N LYS B 11 14.32 2.20 3.11
CA LYS B 11 13.68 3.46 3.46
C LYS B 11 12.16 3.30 3.51
N ASP B 12 11.57 2.55 2.56
CA ASP B 12 10.14 2.24 2.62
C ASP B 12 9.80 1.57 3.96
N LEU B 13 10.55 0.53 4.30
CA LEU B 13 10.26 -0.21 5.51
C LEU B 13 10.37 0.65 6.76
N GLU B 14 11.43 1.45 6.84
CA GLU B 14 11.59 2.28 8.02
C GLU B 14 10.42 3.23 8.18
N GLU B 15 9.97 3.83 7.09
CA GLU B 15 8.81 4.70 7.22
C GLU B 15 7.55 3.99 7.70
N VAL B 16 7.29 2.78 7.17
CA VAL B 16 6.12 2.07 7.64
C VAL B 16 6.23 1.77 9.15
N LYS B 17 7.42 1.44 9.62
CA LYS B 17 7.60 1.18 11.06
C LYS B 17 7.39 2.47 11.88
N VAL B 18 7.87 3.59 11.38
CA VAL B 18 7.65 4.90 12.05
C VAL B 18 6.15 5.15 12.16
N LEU B 19 5.40 4.92 11.08
CA LEU B 19 3.96 5.19 11.11
C LEU B 19 3.20 4.18 11.97
N LEU B 20 3.61 2.91 11.96
CA LEU B 20 2.99 1.93 12.85
C LEU B 20 3.18 2.30 14.31
N GLU B 21 4.29 2.92 14.69
CA GLU B 21 4.44 3.31 16.08
C GLU B 21 3.39 4.38 16.46
N LYS B 22 2.95 5.20 15.52
CA LYS B 22 1.96 6.24 15.75
C LYS B 22 0.51 5.74 15.63
N ALA B 23 0.26 4.77 14.79
CA ALA B 23 -1.12 4.40 14.41
C ALA B 23 -1.78 3.63 15.52
N THR B 24 -3.03 3.98 15.80
CA THR B 24 -3.82 3.26 16.83
C THR B 24 -5.09 2.61 16.27
N ARG B 25 -5.60 3.02 15.11
CA ARG B 25 -6.87 2.49 14.60
C ARG B 25 -6.59 1.16 13.88
N LYS B 26 -7.35 0.13 14.21
CA LYS B 26 -7.14 -1.17 13.60
C LYS B 26 -7.14 -1.12 12.08
N ARG B 27 -8.09 -0.38 11.49
CA ARG B 27 -8.17 -0.38 10.03
C ARG B 27 -6.89 0.21 9.40
N VAL B 28 -6.38 1.27 10.03
CA VAL B 28 -5.16 1.91 9.51
C VAL B 28 -3.93 1.04 9.76
N ARG B 29 -3.84 0.48 10.95
CA ARG B 29 -2.75 -0.46 11.23
C ARG B 29 -2.74 -1.64 10.27
N ASP B 30 -3.91 -2.18 9.93
CA ASP B 30 -3.97 -3.27 8.98
C ASP B 30 -3.45 -2.87 7.61
N ALA B 31 -3.80 -1.69 7.12
CA ALA B 31 -3.28 -1.20 5.85
C ALA B 31 -1.77 -1.04 5.87
N LEU B 32 -1.23 -0.48 6.95
CA LEU B 32 0.21 -0.34 7.10
C LEU B 32 0.90 -1.69 7.20
N THR B 33 0.34 -2.64 7.97
CA THR B 33 1.02 -3.92 8.10
CA THR B 33 0.94 -3.95 8.14
C THR B 33 0.98 -4.69 6.78
C THR B 33 0.96 -4.70 6.80
N ALA B 34 -0.07 -4.53 5.97
CA ALA B 34 -0.08 -5.15 4.64
C ALA B 34 1.07 -4.63 3.79
N GLU B 35 1.32 -3.32 3.84
CA GLU B 35 2.44 -2.78 3.10
C GLU B 35 3.77 -3.24 3.66
N LYS B 36 3.88 -3.29 4.98
CA LYS B 36 5.09 -3.77 5.65
C LYS B 36 5.45 -5.19 5.18
N SER B 37 4.45 -6.06 5.14
CA SER B 37 4.60 -7.46 4.74
CA SER B 37 4.72 -7.44 4.78
C SER B 37 5.14 -7.57 3.32
C SER B 37 5.26 -7.48 3.36
N LYS B 38 4.62 -6.74 2.44
CA LYS B 38 5.05 -6.70 1.04
C LYS B 38 6.51 -6.25 0.92
N ILE B 39 6.86 -5.18 1.64
CA ILE B 39 8.19 -4.66 1.57
C ILE B 39 9.18 -5.66 2.16
N GLU B 40 8.84 -6.25 3.29
CA GLU B 40 9.71 -7.24 3.92
C GLU B 40 9.95 -8.43 2.98
N THR B 41 8.94 -8.85 2.23
CA THR B 41 9.12 -9.95 1.28
C THR B 41 10.08 -9.51 0.16
N GLU B 42 9.93 -8.30 -0.36
CA GLU B 42 10.83 -7.82 -1.39
C GLU B 42 12.27 -7.75 -0.93
N ILE B 43 12.48 -7.34 0.33
CA ILE B 43 13.82 -7.36 0.90
C ILE B 43 14.35 -8.80 1.05
N LYS B 44 13.55 -9.70 1.59
CA LYS B 44 13.97 -11.09 1.79
C LYS B 44 14.28 -11.73 0.42
N ASN B 45 13.53 -11.38 -0.62
CA ASN B 45 13.77 -11.92 -1.95
C ASN B 45 15.20 -11.62 -2.42
N LYS B 46 15.83 -10.53 -1.97
CA LYS B 46 17.25 -10.27 -2.29
C LYS B 46 18.29 -11.20 -1.68
N MET B 47 17.92 -11.93 -0.63
CA MET B 47 18.75 -12.99 -0.02
C MET B 47 20.10 -12.48 0.45
N SER C 2 14.06 7.09 -9.33
CA SER C 2 12.68 6.86 -9.82
C SER C 2 11.98 5.67 -9.12
N HIS C 3 12.41 5.32 -7.91
CA HIS C 3 11.73 4.28 -7.13
C HIS C 3 10.24 4.53 -7.00
N MET C 4 9.44 3.57 -7.45
CA MET C 4 7.97 3.59 -7.34
C MET C 4 7.29 4.61 -8.23
N ALA C 5 8.03 5.16 -9.20
CA ALA C 5 7.42 6.01 -10.20
C ALA C 5 6.46 5.20 -11.08
N SER C 6 5.41 5.82 -11.59
CA SER C 6 4.42 5.15 -12.42
C SER C 6 5.04 4.40 -13.60
N GLU C 7 6.03 5.03 -14.26
CA GLU C 7 6.66 4.39 -15.41
C GLU C 7 7.39 3.10 -15.05
N GLU C 8 8.01 3.12 -13.88
CA GLU C 8 8.72 1.93 -13.41
C GLU C 8 7.75 0.81 -13.10
N LEU C 9 6.64 1.14 -12.44
CA LEU C 9 5.57 0.16 -12.17
C LEU C 9 4.98 -0.44 -13.43
N GLN C 10 4.81 0.39 -14.47
CA GLN C 10 4.28 -0.12 -15.71
C GLN C 10 5.26 -1.09 -16.34
N LYS C 11 6.57 -0.79 -16.30
CA LYS C 11 7.56 -1.74 -16.85
C LYS C 11 7.56 -3.04 -16.04
N ASP C 12 7.42 -2.96 -14.72
CA ASP C 12 7.33 -4.16 -13.90
C ASP C 12 6.13 -4.99 -14.33
N LEU C 13 4.97 -4.35 -14.45
CA LEU C 13 3.72 -5.03 -14.77
C LEU C 13 3.80 -5.72 -16.12
N GLU C 14 4.32 -5.03 -17.14
CA GLU C 14 4.39 -5.60 -18.48
C GLU C 14 5.23 -6.85 -18.47
N GLU C 15 6.37 -6.81 -17.77
CA GLU C 15 7.23 -8.01 -17.71
C GLU C 15 6.55 -9.14 -16.99
N VAL C 16 5.94 -8.87 -15.85
CA VAL C 16 5.29 -9.96 -15.14
C VAL C 16 4.21 -10.61 -16.00
N LYS C 17 3.45 -9.82 -16.76
CA LYS C 17 2.44 -10.37 -17.65
C LYS C 17 3.07 -11.28 -18.71
N VAL C 18 4.18 -10.84 -19.34
CA VAL C 18 4.84 -11.66 -20.35
C VAL C 18 5.29 -13.00 -19.73
N LEU C 19 5.93 -12.93 -18.56
CA LEU C 19 6.42 -14.17 -17.98
C LEU C 19 5.28 -15.07 -17.51
N LEU C 20 4.21 -14.49 -16.97
CA LEU C 20 3.05 -15.26 -16.60
C LEU C 20 2.45 -15.99 -17.80
N GLU C 21 2.37 -15.31 -18.95
CA GLU C 21 1.89 -15.97 -20.16
C GLU C 21 2.74 -17.20 -20.51
N LYS C 22 4.07 -17.13 -20.26
CA LYS C 22 4.97 -18.23 -20.56
C LYS C 22 4.98 -19.33 -19.50
N ALA C 23 4.55 -19.03 -18.27
CA ALA C 23 4.70 -19.98 -17.16
C ALA C 23 3.67 -21.08 -17.25
N THR C 24 4.06 -22.28 -16.83
CA THR C 24 3.19 -23.45 -16.88
C THR C 24 2.97 -24.11 -15.53
N ARG C 25 3.95 -24.03 -14.64
CA ARG C 25 3.90 -24.78 -13.39
C ARG C 25 2.99 -24.04 -12.42
N LYS C 26 2.10 -24.76 -11.71
CA LYS C 26 1.13 -24.10 -10.85
C LYS C 26 1.75 -23.18 -9.83
N ARG C 27 2.82 -23.55 -9.14
CA ARG C 27 3.36 -22.67 -8.12
C ARG C 27 4.01 -21.42 -8.72
N VAL C 28 4.53 -21.53 -9.94
CA VAL C 28 5.16 -20.41 -10.61
C VAL C 28 4.11 -19.45 -11.13
N ARG C 29 3.06 -19.98 -11.76
CA ARG C 29 1.92 -19.15 -12.16
C ARG C 29 1.33 -18.44 -10.94
N ASP C 30 1.17 -19.16 -9.83
CA ASP C 30 0.61 -18.52 -8.65
C ASP C 30 1.50 -17.38 -8.17
N ALA C 31 2.81 -17.58 -8.10
CA ALA C 31 3.71 -16.54 -7.63
C ALA C 31 3.68 -15.32 -8.56
N LEU C 32 3.70 -15.54 -9.89
CA LEU C 32 3.68 -14.41 -10.80
C LEU C 32 2.32 -13.73 -10.79
N THR C 33 1.23 -14.47 -10.59
CA THR C 33 -0.09 -13.83 -10.49
C THR C 33 -0.16 -12.92 -9.28
N ALA C 34 0.41 -13.37 -8.15
CA ALA C 34 0.43 -12.55 -6.95
C ALA C 34 1.28 -11.30 -7.16
N GLU C 35 2.43 -11.42 -7.83
CA GLU C 35 3.24 -10.24 -8.14
C GLU C 35 2.48 -9.28 -9.04
N LYS C 36 1.78 -9.81 -10.06
CA LYS C 36 0.96 -8.97 -10.95
C LYS C 36 -0.08 -8.17 -10.15
N SER C 37 -0.79 -8.85 -9.26
CA SER C 37 -1.83 -8.20 -8.48
C SER C 37 -1.25 -7.13 -7.57
N LYS C 38 -0.08 -7.38 -6.95
CA LYS C 38 0.54 -6.38 -6.12
C LYS C 38 0.90 -5.12 -6.93
N ILE C 39 1.49 -5.33 -8.12
CA ILE C 39 1.88 -4.19 -8.92
C ILE C 39 0.64 -3.44 -9.44
N GLU C 40 -0.41 -4.16 -9.85
CA GLU C 40 -1.63 -3.50 -10.29
C GLU C 40 -2.20 -2.63 -9.17
N THR C 41 -2.14 -3.11 -7.93
CA THR C 41 -2.61 -2.30 -6.80
C THR C 41 -1.75 -1.06 -6.59
N GLU C 42 -0.43 -1.22 -6.72
CA GLU C 42 0.43 -0.05 -6.58
C GLU C 42 0.12 1.02 -7.63
N ILE C 43 -0.20 0.60 -8.84
CA ILE C 43 -0.55 1.52 -9.91
C ILE C 43 -1.91 2.16 -9.61
N LYS C 44 -2.88 1.35 -9.23
CA LYS C 44 -4.23 1.89 -8.90
C LYS C 44 -4.17 2.86 -7.75
N ASN C 45 -3.26 2.64 -6.81
CA ASN C 45 -3.20 3.49 -5.64
C ASN C 45 -2.81 4.87 -6.03
N LYS C 46 -2.14 5.07 -7.16
CA LYS C 46 -1.87 6.44 -7.65
C LYS C 46 -3.08 7.25 -8.17
N MET C 47 -4.22 6.57 -8.36
CA MET C 47 -5.53 7.18 -8.68
C MET C 47 -5.68 8.69 -8.53
S SO4 D . 20.19 -4.17 -5.20
O1 SO4 D . 19.20 -5.21 -5.53
O2 SO4 D . 20.04 -3.33 -4.02
O3 SO4 D . 21.51 -4.74 -5.19
O4 SO4 D . 20.17 -3.18 -6.28
S CXS E . -5.01 -3.50 16.83
O1 CXS E . -6.26 -4.21 16.64
O2 CXS E . -4.56 -3.04 15.56
O3 CXS E . -3.93 -4.53 17.37
C1 CXS E . -5.18 -2.27 17.95
C2 CXS E . -6.35 -1.35 17.66
C3 CXS E . -6.64 -0.54 18.92
N CXS E . -7.47 0.57 18.46
C4 CXS E . -7.74 1.67 19.35
C5 CXS E . -8.89 1.28 20.24
C6 CXS E . -9.28 2.47 21.11
C7 CXS E . -9.64 3.68 20.27
C8 CXS E . -8.50 4.16 19.36
C9 CXS E . -8.03 2.94 18.54
#